data_5WP3
#
_entry.id   5WP3
#
_cell.length_a   57.070
_cell.length_b   134.290
_cell.length_c   61.940
_cell.angle_alpha   90.000
_cell.angle_beta   90.000
_cell.angle_gamma   90.000
#
_symmetry.space_group_name_H-M   'P 21 21 2'
#
loop_
_entity.id
_entity.type
_entity.pdbx_description
1 polymer 'Polycomb protein EED'
2 polymer EB22
3 non-polymer 'UNKNOWN ATOM OR ION'
#
loop_
_entity_poly.entity_id
_entity_poly.type
_entity_poly.pdbx_seq_one_letter_code
_entity_poly.pdbx_strand_id
1 'polypeptide(L)'
;GSKKCKYSFKCVNSLKEDHNQPLFGVQFNWHSKEGDPLVFATVGSNRVTLYECHSQGEIRLLQSYVDADADENFYTCAWT
YDSNTSHPLLAVAGSRGIIRIINPITMQCIKHYVGHGNAINELKFHPRDPNLLLSVSKDHALRLWNIQTDTLVAIFGGVE
GHRDEVLSADYDLLGEKIMSCGMDHSLKLWRINSKRMMNAIKESYDYNPNKTNRPFISQKIHFPDFSTRDIHRNYVDCVR
WLGDLILSKSCENAIVCWKPGKMEDDIDKIKPSESNVTILGRFDYSQCDIWYMRFSMDFWQKMLALGNQVGKLYVWDLEV
EDPHKAKCTTLTHHKCGAAIRQTSFSRDSSILIAVCDDASIWRWDRLR
;
A
2 'polypeptide(L)'
;MINEIKKNAQERMDETVEQLKNELSKVRTGGGGTEERRLELAKQVVFAANRALIRVRTIALEAAWRLLMLGSDKEVNKRD
ISQALEEIEKLTKVAAKKIKEVLEAKIKELREVLEHHHHHH
;
B
#
# COMPACT_ATOMS: atom_id res chain seq x y z
N LYS A 4 22.88 -2.98 8.39
CA LYS A 4 23.11 -2.54 7.02
C LYS A 4 22.42 -3.44 5.98
N CYS A 5 21.92 -2.83 4.89
CA CYS A 5 21.22 -3.57 3.82
C CYS A 5 22.07 -4.69 3.19
N LYS A 6 21.42 -5.84 2.94
CA LYS A 6 22.06 -7.02 2.34
C LYS A 6 21.49 -7.39 0.98
N TYR A 7 20.36 -6.79 0.59
CA TYR A 7 19.65 -7.10 -0.65
C TYR A 7 20.42 -6.77 -1.92
N SER A 8 20.37 -7.69 -2.89
CA SER A 8 21.11 -7.60 -4.16
C SER A 8 20.21 -8.03 -5.31
N PHE A 9 20.26 -7.28 -6.43
CA PHE A 9 19.43 -7.57 -7.60
C PHE A 9 20.24 -7.59 -8.90
N LYS A 10 19.70 -8.28 -9.90
CA LYS A 10 20.32 -8.43 -11.22
C LYS A 10 19.29 -8.17 -12.30
N CYS A 11 19.64 -7.36 -13.27
CA CYS A 11 18.69 -7.16 -14.35
C CYS A 11 18.75 -8.41 -15.24
N VAL A 12 17.61 -9.08 -15.41
CA VAL A 12 17.50 -10.29 -16.19
C VAL A 12 16.80 -10.08 -17.53
N ASN A 13 15.97 -9.04 -17.63
CA ASN A 13 15.29 -8.78 -18.89
C ASN A 13 14.74 -7.36 -18.96
N SER A 14 14.34 -6.98 -20.17
CA SER A 14 13.72 -5.71 -20.43
C SER A 14 13.00 -5.75 -21.76
N LEU A 15 11.91 -4.99 -21.86
CA LEU A 15 11.19 -4.92 -23.12
C LEU A 15 10.61 -3.55 -23.34
N LYS A 16 10.43 -3.13 -24.59
CA LYS A 16 9.76 -1.86 -24.91
C LYS A 16 8.43 -2.15 -25.59
N GLU A 17 7.32 -1.69 -24.98
CA GLU A 17 5.98 -1.89 -25.52
C GLU A 17 5.81 -1.12 -26.81
N ASP A 18 5.18 -1.78 -27.80
CA ASP A 18 4.95 -1.28 -29.15
C ASP A 18 4.29 0.10 -29.24
N HIS A 19 3.37 0.45 -28.32
CA HIS A 19 2.71 1.77 -28.32
C HIS A 19 3.66 2.97 -28.14
N ASN A 20 4.83 2.73 -27.51
CA ASN A 20 5.91 3.71 -27.25
C ASN A 20 5.48 4.88 -26.34
N GLN A 21 4.37 4.72 -25.58
CA GLN A 21 3.91 5.78 -24.68
C GLN A 21 4.40 5.52 -23.26
N PRO A 22 4.42 6.55 -22.38
CA PRO A 22 4.83 6.31 -21.00
C PRO A 22 3.97 5.28 -20.29
N LEU A 23 4.63 4.41 -19.50
CA LEU A 23 3.94 3.47 -18.66
C LEU A 23 3.89 4.11 -17.29
N PHE A 24 2.67 4.37 -16.80
CA PHE A 24 2.43 5.07 -15.54
C PHE A 24 2.28 4.15 -14.38
N GLY A 25 1.72 2.97 -14.62
CA GLY A 25 1.47 2.04 -13.54
C GLY A 25 1.92 0.64 -13.83
N VAL A 26 2.25 -0.07 -12.77
CA VAL A 26 2.61 -1.48 -12.74
C VAL A 26 2.17 -2.08 -11.40
N GLN A 27 1.50 -3.22 -11.45
CA GLN A 27 1.13 -3.93 -10.22
C GLN A 27 1.13 -5.45 -10.38
N PHE A 28 1.89 -6.16 -9.54
CA PHE A 28 1.83 -7.63 -9.46
C PHE A 28 0.52 -8.00 -8.76
N ASN A 29 0.03 -9.18 -9.11
CA ASN A 29 -1.15 -9.66 -8.44
C ASN A 29 -0.72 -10.50 -7.25
N TRP A 30 -1.04 -10.01 -6.07
CA TRP A 30 -0.69 -10.70 -4.83
C TRP A 30 -1.78 -11.68 -4.38
N HIS A 31 -2.95 -11.60 -4.98
CA HIS A 31 -4.05 -12.50 -4.67
C HIS A 31 -3.88 -13.79 -5.48
N SER A 32 -2.83 -14.55 -5.14
CA SER A 32 -2.46 -15.80 -5.80
C SER A 32 -1.78 -16.69 -4.79
N LYS A 33 -1.94 -18.00 -4.98
CA LYS A 33 -1.37 -19.02 -4.10
C LYS A 33 0.08 -19.30 -4.46
N GLU A 34 0.85 -19.85 -3.52
CA GLU A 34 2.24 -20.23 -3.79
C GLU A 34 2.19 -21.33 -4.86
N GLY A 35 2.97 -21.16 -5.93
CA GLY A 35 2.96 -22.11 -7.03
C GLY A 35 2.22 -21.57 -8.25
N ASP A 36 1.35 -20.56 -8.05
CA ASP A 36 0.64 -19.90 -9.14
C ASP A 36 1.65 -19.05 -9.92
N PRO A 37 1.37 -18.79 -11.22
CA PRO A 37 2.30 -17.95 -12.01
C PRO A 37 2.29 -16.49 -11.58
N LEU A 38 3.47 -15.83 -11.66
CA LEU A 38 3.65 -14.45 -11.26
C LEU A 38 3.18 -13.50 -12.37
N VAL A 39 2.01 -12.89 -12.14
CA VAL A 39 1.40 -12.01 -13.11
C VAL A 39 1.43 -10.55 -12.67
N PHE A 40 1.75 -9.65 -13.61
CA PHE A 40 1.70 -8.23 -13.34
C PHE A 40 0.98 -7.50 -14.42
N ALA A 41 0.40 -6.35 -14.09
CA ALA A 41 -0.32 -5.53 -15.05
C ALA A 41 0.42 -4.24 -15.24
N THR A 42 0.48 -3.75 -16.48
CA THR A 42 1.07 -2.42 -16.76
C THR A 42 0.01 -1.54 -17.40
N VAL A 43 -0.04 -0.28 -17.03
CA VAL A 43 -0.98 0.67 -17.62
C VAL A 43 -0.28 1.93 -18.18
N GLY A 44 -0.80 2.44 -19.28
CA GLY A 44 -0.27 3.60 -19.98
C GLY A 44 -1.06 3.76 -21.25
N SER A 45 -1.17 5.01 -21.77
CA SER A 45 -1.99 5.31 -22.95
C SER A 45 -3.42 4.76 -22.65
N ASN A 46 -4.10 4.21 -23.63
CA ASN A 46 -5.39 3.59 -23.37
C ASN A 46 -5.23 2.05 -23.27
N ARG A 47 -4.08 1.60 -22.78
CA ARG A 47 -3.80 0.18 -22.72
C ARG A 47 -3.50 -0.41 -21.36
N VAL A 48 -3.96 -1.65 -21.18
CA VAL A 48 -3.70 -2.51 -20.01
C VAL A 48 -3.06 -3.78 -20.58
N THR A 49 -1.89 -4.14 -20.12
CA THR A 49 -1.25 -5.35 -20.60
C THR A 49 -0.84 -6.21 -19.43
N LEU A 50 -1.16 -7.51 -19.52
CA LEU A 50 -0.84 -8.47 -18.48
C LEU A 50 0.33 -9.29 -18.93
N TYR A 51 1.32 -9.40 -18.06
CA TYR A 51 2.53 -10.15 -18.31
C TYR A 51 2.72 -11.24 -17.27
N GLU A 52 3.39 -12.31 -17.66
CA GLU A 52 3.69 -13.40 -16.74
C GLU A 52 5.17 -13.60 -16.67
N CYS A 53 5.71 -13.64 -15.46
CA CYS A 53 7.14 -13.84 -15.26
C CYS A 53 7.47 -15.31 -15.20
N HIS A 54 8.41 -15.73 -16.03
CA HIS A 54 8.89 -17.11 -16.10
C HIS A 54 10.37 -17.18 -15.87
N SER A 55 10.89 -18.41 -15.79
CA SER A 55 12.29 -18.74 -15.58
C SER A 55 13.19 -18.13 -16.67
N GLN A 56 14.50 -17.98 -16.33
CA GLN A 56 15.51 -17.42 -17.23
C GLN A 56 15.16 -16.00 -17.69
N GLY A 57 14.51 -15.24 -16.81
CA GLY A 57 14.13 -13.87 -17.08
C GLY A 57 13.01 -13.65 -18.10
N GLU A 58 12.35 -14.73 -18.56
CA GLU A 58 11.29 -14.68 -19.57
C GLU A 58 10.09 -13.85 -19.06
N ILE A 59 9.61 -12.93 -19.91
CA ILE A 59 8.43 -12.11 -19.59
C ILE A 59 7.46 -12.37 -20.71
N ARG A 60 6.39 -13.11 -20.44
CA ARG A 60 5.40 -13.52 -21.43
C ARG A 60 4.17 -12.61 -21.47
N LEU A 61 3.69 -12.27 -22.65
CA LEU A 61 2.50 -11.45 -22.76
C LEU A 61 1.27 -12.37 -22.70
N LEU A 62 0.43 -12.14 -21.67
CA LEU A 62 -0.78 -12.90 -21.44
C LEU A 62 -1.96 -12.27 -22.11
N GLN A 63 -2.15 -10.99 -21.83
CA GLN A 63 -3.31 -10.24 -22.31
C GLN A 63 -2.96 -8.84 -22.73
N SER A 64 -3.76 -8.28 -23.63
CA SER A 64 -3.58 -6.92 -24.09
C SER A 64 -4.94 -6.30 -24.30
N TYR A 65 -5.23 -5.27 -23.52
CA TYR A 65 -6.51 -4.57 -23.53
C TYR A 65 -6.34 -3.17 -24.12
N VAL A 66 -7.22 -2.82 -25.08
CA VAL A 66 -7.28 -1.50 -25.67
C VAL A 66 -8.65 -0.93 -25.36
N ASP A 67 -8.68 0.25 -24.74
CA ASP A 67 -9.95 0.91 -24.44
C ASP A 67 -10.49 1.59 -25.69
N ALA A 68 -11.80 1.46 -25.94
CA ALA A 68 -12.45 2.09 -27.09
C ALA A 68 -12.14 3.59 -27.14
N ASP A 69 -12.15 4.24 -25.96
CA ASP A 69 -11.85 5.65 -25.82
C ASP A 69 -10.35 5.89 -26.03
N ALA A 70 -9.98 6.19 -27.27
CA ALA A 70 -8.60 6.45 -27.67
C ALA A 70 -7.96 7.62 -26.93
N ASP A 71 -8.78 8.48 -26.31
CA ASP A 71 -8.35 9.67 -25.56
C ASP A 71 -8.08 9.34 -24.07
N GLU A 72 -8.25 8.07 -23.68
CA GLU A 72 -8.01 7.63 -22.31
C GLU A 72 -6.53 7.50 -22.08
N ASN A 73 -6.07 7.95 -20.91
CA ASN A 73 -4.68 7.84 -20.51
C ASN A 73 -4.67 7.24 -19.11
N PHE A 74 -4.56 5.89 -19.03
CA PHE A 74 -4.54 5.19 -17.75
C PHE A 74 -3.33 5.62 -16.92
N TYR A 75 -3.53 5.88 -15.65
CA TYR A 75 -2.45 6.28 -14.73
C TYR A 75 -2.23 5.26 -13.63
N THR A 76 -3.30 4.59 -13.19
CA THR A 76 -3.22 3.63 -12.06
C THR A 76 -4.05 2.37 -12.26
N CYS A 77 -3.64 1.33 -11.57
CA CYS A 77 -4.36 0.07 -11.54
C CYS A 77 -4.25 -0.58 -10.18
N ALA A 78 -5.23 -1.40 -9.81
CA ALA A 78 -5.18 -2.14 -8.54
C ALA A 78 -5.94 -3.44 -8.67
N TRP A 79 -5.42 -4.50 -8.07
CA TRP A 79 -6.00 -5.84 -8.09
C TRP A 79 -6.94 -6.11 -6.93
N THR A 80 -7.97 -6.90 -7.19
CA THR A 80 -8.89 -7.42 -6.19
C THR A 80 -9.21 -8.81 -6.63
N TYR A 81 -10.25 -9.41 -6.06
CA TYR A 81 -10.76 -10.71 -6.48
C TYR A 81 -12.29 -10.73 -6.31
N ASP A 82 -12.97 -11.57 -7.11
CA ASP A 82 -14.41 -11.67 -7.06
C ASP A 82 -14.85 -12.47 -5.84
N SER A 83 -15.64 -11.84 -4.95
CA SER A 83 -16.11 -12.46 -3.71
C SER A 83 -16.67 -13.89 -3.90
N ASN A 84 -17.38 -14.13 -5.00
CA ASN A 84 -18.01 -15.42 -5.28
C ASN A 84 -17.07 -16.44 -5.89
N THR A 85 -16.60 -16.17 -7.12
CA THR A 85 -15.72 -17.06 -7.91
C THR A 85 -14.29 -17.15 -7.41
N SER A 86 -13.80 -16.07 -6.77
CA SER A 86 -12.44 -15.85 -6.24
C SER A 86 -11.46 -15.53 -7.33
N HIS A 87 -11.94 -15.44 -8.61
CA HIS A 87 -11.06 -15.07 -9.73
C HIS A 87 -10.64 -13.60 -9.51
N PRO A 88 -9.38 -13.23 -9.86
CA PRO A 88 -8.95 -11.85 -9.67
C PRO A 88 -9.64 -10.86 -10.61
N LEU A 89 -9.70 -9.60 -10.19
CA LEU A 89 -10.25 -8.53 -11.00
C LEU A 89 -9.26 -7.37 -11.02
N LEU A 90 -9.20 -6.62 -12.13
CA LEU A 90 -8.31 -5.48 -12.14
C LEU A 90 -9.07 -4.18 -12.33
N ALA A 91 -8.88 -3.22 -11.42
CA ALA A 91 -9.45 -1.90 -11.58
C ALA A 91 -8.41 -1.01 -12.23
N VAL A 92 -8.84 -0.25 -13.23
CA VAL A 92 -7.95 0.68 -13.93
C VAL A 92 -8.59 2.08 -13.97
N ALA A 93 -7.78 3.15 -13.96
CA ALA A 93 -8.29 4.53 -14.06
C ALA A 93 -7.21 5.52 -14.48
N GLY A 94 -7.64 6.64 -15.01
CA GLY A 94 -6.73 7.67 -15.46
C GLY A 94 -7.39 8.97 -15.79
N SER A 95 -6.91 9.61 -16.86
CA SER A 95 -7.32 10.91 -17.35
C SER A 95 -8.82 11.16 -17.51
N ARG A 96 -9.60 10.15 -17.96
CA ARG A 96 -11.03 10.35 -18.23
C ARG A 96 -11.94 10.26 -17.01
N GLY A 97 -11.34 10.10 -15.82
CA GLY A 97 -12.08 10.07 -14.56
C GLY A 97 -12.99 8.90 -14.33
N ILE A 98 -12.77 7.82 -15.09
CA ILE A 98 -13.60 6.61 -15.01
C ILE A 98 -12.82 5.42 -14.47
N ILE A 99 -13.42 4.72 -13.49
CA ILE A 99 -12.86 3.49 -12.94
C ILE A 99 -13.42 2.36 -13.80
N ARG A 100 -12.55 1.55 -14.39
CA ARG A 100 -13.00 0.42 -15.17
C ARG A 100 -12.56 -0.88 -14.47
N ILE A 101 -13.50 -1.81 -14.28
CA ILE A 101 -13.23 -3.11 -13.65
C ILE A 101 -13.15 -4.13 -14.78
N ILE A 102 -11.93 -4.64 -15.02
CA ILE A 102 -11.64 -5.60 -16.09
C ILE A 102 -11.54 -7.02 -15.57
N ASN A 103 -12.25 -7.93 -16.24
CA ASN A 103 -12.15 -9.36 -15.95
C ASN A 103 -10.89 -9.81 -16.76
N PRO A 104 -9.80 -10.19 -16.03
CA PRO A 104 -8.55 -10.58 -16.71
C PRO A 104 -8.59 -11.87 -17.51
N ILE A 105 -9.62 -12.69 -17.34
CA ILE A 105 -9.76 -13.93 -18.13
C ILE A 105 -10.22 -13.58 -19.55
N THR A 106 -11.22 -12.70 -19.64
CA THR A 106 -11.79 -12.31 -20.92
C THR A 106 -11.36 -10.94 -21.41
N MET A 107 -10.60 -10.21 -20.59
CA MET A 107 -10.17 -8.82 -20.80
C MET A 107 -11.36 -7.90 -21.11
N GLN A 108 -12.45 -8.13 -20.38
CA GLN A 108 -13.68 -7.40 -20.57
C GLN A 108 -13.95 -6.44 -19.46
N CYS A 109 -14.26 -5.21 -19.82
CA CYS A 109 -14.64 -4.22 -18.82
C CYS A 109 -16.06 -4.52 -18.35
N ILE A 110 -16.18 -5.11 -17.15
CA ILE A 110 -17.48 -5.55 -16.61
C ILE A 110 -18.24 -4.44 -15.90
N LYS A 111 -17.55 -3.68 -15.07
CA LYS A 111 -18.13 -2.57 -14.34
C LYS A 111 -17.36 -1.29 -14.65
N HIS A 112 -17.95 -0.15 -14.29
CA HIS A 112 -17.34 1.17 -14.41
C HIS A 112 -18.00 2.15 -13.45
N TYR A 113 -17.21 3.08 -12.90
CA TYR A 113 -17.70 4.08 -11.94
C TYR A 113 -17.17 5.44 -12.26
N VAL A 114 -18.02 6.46 -12.14
CA VAL A 114 -17.61 7.84 -12.40
C VAL A 114 -17.97 8.70 -11.20
N GLY A 115 -16.97 9.41 -10.67
CA GLY A 115 -17.12 10.32 -9.54
C GLY A 115 -17.58 11.68 -10.00
N HIS A 116 -16.73 12.70 -9.81
CA HIS A 116 -17.05 14.05 -10.28
C HIS A 116 -16.75 14.11 -11.80
N GLY A 117 -15.82 13.27 -12.24
CA GLY A 117 -15.39 13.18 -13.63
C GLY A 117 -13.96 13.60 -13.85
N ASN A 118 -13.27 14.07 -12.77
CA ASN A 118 -11.89 14.53 -12.87
C ASN A 118 -10.95 13.37 -12.95
N ALA A 119 -9.75 13.54 -13.56
CA ALA A 119 -8.72 12.50 -13.71
C ALA A 119 -8.40 11.82 -12.40
N ILE A 120 -8.17 10.51 -12.43
CA ILE A 120 -7.90 9.70 -11.23
C ILE A 120 -6.41 9.47 -11.05
N ASN A 121 -5.92 9.86 -9.87
CA ASN A 121 -4.52 9.79 -9.48
C ASN A 121 -4.12 8.42 -8.97
N GLU A 122 -4.95 7.83 -8.08
CA GLU A 122 -4.58 6.57 -7.46
C GLU A 122 -5.77 5.70 -7.11
N LEU A 123 -5.58 4.36 -7.18
CA LEU A 123 -6.56 3.35 -6.79
C LEU A 123 -5.98 2.39 -5.77
N LYS A 124 -6.77 2.05 -4.74
CA LYS A 124 -6.41 1.11 -3.68
C LYS A 124 -7.60 0.26 -3.27
N PHE A 125 -7.40 -1.05 -3.12
CA PHE A 125 -8.49 -1.88 -2.62
C PHE A 125 -8.30 -2.09 -1.16
N HIS A 126 -9.40 -2.17 -0.43
CA HIS A 126 -9.40 -2.43 1.00
C HIS A 126 -8.75 -3.79 1.29
N PRO A 127 -7.80 -3.84 2.23
CA PRO A 127 -7.09 -5.09 2.54
C PRO A 127 -7.93 -6.29 2.96
N ARG A 128 -9.11 -6.06 3.55
CA ARG A 128 -9.96 -7.12 4.09
C ARG A 128 -11.30 -7.23 3.38
N ASP A 129 -11.77 -6.15 2.77
CA ASP A 129 -13.01 -6.19 2.00
C ASP A 129 -12.67 -5.92 0.53
N PRO A 130 -12.59 -7.00 -0.29
CA PRO A 130 -12.23 -6.86 -1.73
C PRO A 130 -13.12 -5.97 -2.58
N ASN A 131 -14.32 -5.62 -2.07
CA ASN A 131 -15.26 -4.83 -2.84
C ASN A 131 -15.13 -3.35 -2.58
N LEU A 132 -14.36 -3.00 -1.53
CA LEU A 132 -14.18 -1.58 -1.19
C LEU A 132 -12.99 -1.00 -1.90
N LEU A 133 -13.23 -0.09 -2.85
CA LEU A 133 -12.23 0.56 -3.66
C LEU A 133 -12.06 2.06 -3.33
N LEU A 134 -10.83 2.46 -3.03
CA LEU A 134 -10.56 3.84 -2.71
C LEU A 134 -10.01 4.52 -3.94
N SER A 135 -10.65 5.63 -4.31
CA SER A 135 -10.25 6.43 -5.44
C SER A 135 -9.81 7.81 -5.04
N VAL A 136 -8.65 8.19 -5.57
CA VAL A 136 -8.10 9.52 -5.37
C VAL A 136 -8.10 10.23 -6.72
N SER A 137 -8.83 11.32 -6.81
CA SER A 137 -8.87 12.02 -8.09
C SER A 137 -8.38 13.45 -7.95
N LYS A 138 -8.21 14.12 -9.09
CA LYS A 138 -7.80 15.52 -9.19
C LYS A 138 -8.94 16.42 -8.69
N ASP A 139 -9.16 16.42 -7.37
CA ASP A 139 -10.27 17.04 -6.66
C ASP A 139 -9.96 17.19 -5.18
N HIS A 140 -10.74 18.02 -4.48
CA HIS A 140 -10.59 18.31 -3.05
C HIS A 140 -11.01 17.13 -2.14
N ALA A 141 -11.61 16.06 -2.72
CA ALA A 141 -12.13 14.93 -1.97
C ALA A 141 -11.77 13.59 -2.53
N LEU A 142 -11.78 12.54 -1.67
CA LEU A 142 -11.53 11.16 -2.03
C LEU A 142 -12.78 10.29 -1.83
N ARG A 143 -12.93 9.28 -2.70
CA ARG A 143 -14.12 8.44 -2.68
C ARG A 143 -13.91 7.00 -2.27
N LEU A 144 -14.89 6.45 -1.57
CA LEU A 144 -14.87 5.04 -1.25
C LEU A 144 -16.04 4.38 -1.98
N TRP A 145 -15.76 3.41 -2.84
CA TRP A 145 -16.75 2.70 -3.64
C TRP A 145 -16.97 1.26 -3.18
N ASN A 146 -18.22 0.76 -3.36
CA ASN A 146 -18.58 -0.64 -3.09
C ASN A 146 -18.87 -1.24 -4.45
N ILE A 147 -17.90 -1.98 -5.04
CA ILE A 147 -17.96 -2.50 -6.40
C ILE A 147 -18.90 -3.72 -6.56
N GLN A 148 -19.42 -4.29 -5.47
CA GLN A 148 -20.38 -5.41 -5.55
C GLN A 148 -21.77 -4.83 -5.78
N THR A 149 -22.13 -3.82 -4.99
CA THR A 149 -23.43 -3.14 -5.05
C THR A 149 -23.37 -1.90 -5.94
N ASP A 150 -22.17 -1.56 -6.46
CA ASP A 150 -21.97 -0.43 -7.39
C ASP A 150 -22.40 0.93 -6.79
N THR A 151 -22.07 1.14 -5.50
CA THR A 151 -22.45 2.36 -4.78
C THR A 151 -21.25 3.16 -4.25
N LEU A 152 -21.43 4.47 -4.09
CA LEU A 152 -20.44 5.34 -3.49
C LEU A 152 -20.76 5.36 -1.98
N VAL A 153 -19.86 4.75 -1.21
CA VAL A 153 -19.98 4.61 0.25
C VAL A 153 -19.77 5.93 0.99
N ALA A 154 -18.68 6.63 0.67
CA ALA A 154 -18.34 7.85 1.39
C ALA A 154 -17.48 8.80 0.59
N ILE A 155 -17.54 10.09 0.96
CA ILE A 155 -16.74 11.16 0.35
C ILE A 155 -15.90 11.85 1.44
N PHE A 156 -14.58 11.82 1.31
CA PHE A 156 -13.70 12.38 2.33
C PHE A 156 -13.16 13.72 1.92
N GLY A 157 -13.67 14.76 2.56
CA GLY A 157 -13.23 16.12 2.27
C GLY A 157 -14.34 17.14 2.41
N GLY A 158 -13.98 18.38 2.15
CA GLY A 158 -14.90 19.51 2.28
C GLY A 158 -14.41 20.49 3.31
N VAL A 159 -15.27 20.86 4.28
CA VAL A 159 -15.00 21.83 5.35
C VAL A 159 -13.58 21.72 5.91
N GLU A 160 -13.16 20.51 6.32
CA GLU A 160 -11.80 20.29 6.80
C GLU A 160 -11.06 19.20 6.02
N GLY A 161 -11.39 19.09 4.74
CA GLY A 161 -10.72 18.18 3.83
C GLY A 161 -9.51 18.86 3.24
N HIS A 162 -8.95 18.31 2.16
CA HIS A 162 -7.79 18.95 1.56
C HIS A 162 -8.26 20.23 0.86
N ARG A 163 -7.53 21.35 1.12
CA ARG A 163 -7.83 22.68 0.60
C ARG A 163 -7.62 22.75 -0.92
N ASP A 164 -6.91 21.77 -1.46
CA ASP A 164 -6.62 21.66 -2.87
C ASP A 164 -6.67 20.17 -3.23
N GLU A 165 -6.21 19.82 -4.43
CA GLU A 165 -6.19 18.50 -5.00
C GLU A 165 -5.54 17.48 -4.08
N VAL A 166 -6.25 16.36 -3.82
CA VAL A 166 -5.72 15.21 -3.08
C VAL A 166 -4.83 14.49 -4.12
N LEU A 167 -3.60 14.17 -3.73
CA LEU A 167 -2.68 13.53 -4.64
C LEU A 167 -2.56 12.06 -4.46
N SER A 168 -2.58 11.58 -3.20
CA SER A 168 -2.37 10.17 -2.87
C SER A 168 -3.06 9.77 -1.58
N ALA A 169 -3.28 8.46 -1.39
CA ALA A 169 -3.87 7.89 -0.18
C ALA A 169 -3.53 6.45 -0.05
N ASP A 170 -3.54 5.93 1.18
CA ASP A 170 -3.27 4.51 1.46
C ASP A 170 -4.04 3.99 2.68
N TYR A 171 -4.46 2.72 2.66
CA TYR A 171 -5.08 2.05 3.81
C TYR A 171 -3.99 1.48 4.68
N ASP A 172 -4.28 1.26 5.98
CA ASP A 172 -3.31 0.56 6.82
C ASP A 172 -3.46 -0.94 6.51
N LEU A 173 -2.60 -1.78 7.06
CA LEU A 173 -2.62 -3.20 6.81
C LEU A 173 -3.99 -3.90 6.98
N LEU A 174 -4.82 -3.47 7.93
CA LEU A 174 -6.10 -4.12 8.17
C LEU A 174 -7.28 -3.34 7.64
N GLY A 175 -7.03 -2.26 6.93
CA GLY A 175 -8.08 -1.42 6.38
C GLY A 175 -8.95 -0.76 7.45
N GLU A 176 -8.37 -0.37 8.57
CA GLU A 176 -9.09 0.28 9.66
C GLU A 176 -9.03 1.79 9.51
N LYS A 177 -8.06 2.28 8.72
CA LYS A 177 -7.88 3.70 8.53
C LYS A 177 -7.19 4.01 7.21
N ILE A 178 -7.39 5.24 6.74
CA ILE A 178 -6.79 5.74 5.51
C ILE A 178 -5.94 6.98 5.84
N MET A 179 -4.79 7.12 5.19
CA MET A 179 -3.99 8.32 5.29
C MET A 179 -3.94 8.93 3.87
N SER A 180 -4.47 10.14 3.72
CA SER A 180 -4.41 10.85 2.44
C SER A 180 -3.40 12.00 2.52
N CYS A 181 -3.01 12.54 1.36
CA CYS A 181 -2.07 13.66 1.24
C CYS A 181 -2.32 14.44 -0.05
N GLY A 182 -1.97 15.72 -0.05
CA GLY A 182 -2.20 16.52 -1.25
C GLY A 182 -1.37 17.77 -1.43
N MET A 183 -1.79 18.58 -2.41
CA MET A 183 -1.16 19.85 -2.82
C MET A 183 -1.01 20.87 -1.72
N ASP A 184 -1.95 20.86 -0.76
CA ASP A 184 -1.94 21.78 0.37
C ASP A 184 -0.89 21.43 1.44
N HIS A 185 0.00 20.44 1.16
CA HIS A 185 1.10 20.01 2.05
C HIS A 185 0.63 19.17 3.22
N SER A 186 -0.68 18.91 3.32
CA SER A 186 -1.20 18.19 4.48
C SER A 186 -1.36 16.73 4.28
N LEU A 187 -1.33 16.01 5.40
CA LEU A 187 -1.58 14.58 5.43
C LEU A 187 -2.69 14.41 6.44
N LYS A 188 -3.77 13.69 6.01
CA LYS A 188 -5.00 13.54 6.78
C LYS A 188 -5.39 12.10 7.09
N LEU A 189 -5.70 11.83 8.37
CA LEU A 189 -6.13 10.52 8.82
C LEU A 189 -7.64 10.39 8.77
N TRP A 190 -8.15 9.36 8.11
CA TRP A 190 -9.60 9.12 8.05
C TRP A 190 -9.87 7.73 8.59
N ARG A 191 -10.46 7.63 9.76
CA ARG A 191 -10.73 6.34 10.37
C ARG A 191 -11.95 5.70 9.76
N ILE A 192 -11.84 4.46 9.26
CA ILE A 192 -12.98 3.80 8.63
C ILE A 192 -13.49 2.60 9.44
N ASN A 193 -12.98 2.44 10.65
CA ASN A 193 -13.38 1.40 11.60
C ASN A 193 -14.35 2.03 12.63
N SER A 194 -14.81 3.25 12.37
CA SER A 194 -15.71 3.97 13.27
C SER A 194 -17.11 3.43 13.04
N LYS A 195 -17.99 3.63 14.04
CA LYS A 195 -19.36 3.16 14.00
C LYS A 195 -20.08 3.72 12.78
N ARG A 196 -19.83 5.00 12.47
CA ARG A 196 -20.40 5.65 11.31
C ARG A 196 -19.97 4.99 10.00
N MET A 197 -18.65 4.76 9.83
CA MET A 197 -18.14 4.19 8.59
C MET A 197 -18.47 2.74 8.42
N MET A 198 -18.48 1.96 9.53
CA MET A 198 -18.87 0.54 9.51
C MET A 198 -20.33 0.43 9.04
N ASN A 199 -21.19 1.31 9.57
CA ASN A 199 -22.60 1.37 9.24
C ASN A 199 -22.83 1.79 7.79
N ALA A 200 -22.05 2.78 7.28
CA ALA A 200 -22.14 3.23 5.89
C ALA A 200 -21.84 2.06 4.94
N ILE A 201 -20.80 1.28 5.26
CA ILE A 201 -20.39 0.11 4.49
C ILE A 201 -21.50 -0.90 4.50
N LYS A 202 -22.01 -1.23 5.68
CA LYS A 202 -23.11 -2.20 5.86
C LYS A 202 -24.32 -1.81 5.01
N GLU A 203 -24.73 -0.54 5.08
CA GLU A 203 -25.90 -0.08 4.36
C GLU A 203 -25.70 -0.11 2.86
N SER A 204 -24.45 0.11 2.38
CA SER A 204 -24.13 0.02 0.95
C SER A 204 -24.30 -1.39 0.46
N TYR A 205 -24.01 -2.37 1.32
CA TYR A 205 -24.20 -3.79 1.02
C TYR A 205 -25.67 -4.17 1.08
N ASP A 206 -26.41 -3.60 2.04
CA ASP A 206 -27.83 -3.87 2.24
C ASP A 206 -28.73 -3.15 1.23
N TYR A 207 -28.20 -2.14 0.52
CA TYR A 207 -28.93 -1.38 -0.51
C TYR A 207 -29.25 -2.27 -1.72
N ASN A 208 -30.49 -2.17 -2.21
CA ASN A 208 -30.94 -2.94 -3.38
C ASN A 208 -32.00 -2.22 -4.21
N PRO A 209 -31.79 -2.08 -5.55
CA PRO A 209 -32.83 -1.46 -6.40
C PRO A 209 -34.00 -2.42 -6.73
N ASN A 210 -33.72 -3.50 -7.50
CA ASN A 210 -34.69 -4.52 -7.91
N PHE A 216 -29.22 5.60 -3.23
CA PHE A 216 -28.24 5.46 -2.14
C PHE A 216 -27.58 6.77 -1.73
N ILE A 217 -27.60 7.05 -0.42
CA ILE A 217 -26.97 8.24 0.13
C ILE A 217 -25.59 7.91 0.71
N SER A 218 -24.54 8.52 0.14
CA SER A 218 -23.17 8.35 0.61
C SER A 218 -22.93 9.21 1.86
N GLN A 219 -21.94 8.83 2.71
CA GLN A 219 -21.59 9.62 3.88
C GLN A 219 -20.63 10.71 3.48
N LYS A 220 -20.89 11.92 3.92
CA LYS A 220 -20.02 13.05 3.63
C LYS A 220 -19.18 13.29 4.89
N ILE A 221 -17.90 12.87 4.85
CA ILE A 221 -16.98 13.02 5.95
C ILE A 221 -16.19 14.30 5.73
N HIS A 222 -16.61 15.38 6.38
CA HIS A 222 -15.94 16.66 6.22
C HIS A 222 -14.72 16.86 7.10
N PHE A 223 -14.52 15.99 8.09
CA PHE A 223 -13.45 16.19 9.06
C PHE A 223 -12.63 14.98 9.29
N PRO A 224 -11.28 15.10 9.27
CA PRO A 224 -10.42 13.92 9.53
C PRO A 224 -10.18 13.72 11.02
N ASP A 225 -9.56 12.58 11.36
CA ASP A 225 -9.25 12.15 12.73
C ASP A 225 -7.88 12.56 13.19
N PHE A 226 -7.17 13.32 12.32
CA PHE A 226 -5.83 13.88 12.53
C PHE A 226 -5.36 14.57 11.24
N SER A 227 -4.69 15.69 11.38
CA SER A 227 -4.14 16.39 10.24
C SER A 227 -2.82 17.08 10.62
N THR A 228 -1.89 17.13 9.64
CA THR A 228 -0.60 17.78 9.80
C THR A 228 -0.11 18.40 8.52
N ARG A 229 0.64 19.50 8.65
CA ARG A 229 1.30 20.20 7.54
C ARG A 229 2.77 20.38 7.93
N ASP A 230 3.23 19.66 8.97
CA ASP A 230 4.56 19.81 9.55
C ASP A 230 5.53 18.72 9.13
N ILE A 231 5.23 18.01 8.04
CA ILE A 231 6.10 16.95 7.55
C ILE A 231 6.89 17.41 6.32
N HIS A 232 6.19 18.01 5.34
CA HIS A 232 6.75 18.50 4.08
C HIS A 232 6.40 19.96 3.87
N ARG A 233 7.23 20.69 3.12
CA ARG A 233 7.00 22.09 2.81
C ARG A 233 6.26 22.22 1.48
N ASN A 234 6.49 21.27 0.55
CA ASN A 234 5.83 21.23 -0.74
C ASN A 234 4.76 20.16 -0.82
N TYR A 235 4.07 20.06 -1.95
CA TYR A 235 3.00 19.08 -2.19
C TYR A 235 3.48 17.65 -1.91
N VAL A 236 2.59 16.84 -1.31
CA VAL A 236 2.91 15.46 -0.96
C VAL A 236 2.34 14.56 -2.06
N ASP A 237 3.19 13.94 -2.88
CA ASP A 237 2.62 13.16 -3.97
C ASP A 237 2.51 11.65 -3.73
N CYS A 238 3.10 11.12 -2.66
CA CYS A 238 2.98 9.69 -2.38
C CYS A 238 2.96 9.44 -0.88
N VAL A 239 1.98 8.64 -0.42
CA VAL A 239 1.88 8.31 1.00
C VAL A 239 1.62 6.81 1.17
N ARG A 240 2.30 6.17 2.15
CA ARG A 240 2.10 4.75 2.44
C ARG A 240 2.19 4.48 3.91
N TRP A 241 1.48 3.49 4.36
CA TRP A 241 1.58 3.12 5.77
C TRP A 241 2.71 2.15 5.91
N LEU A 242 3.49 2.30 6.98
CA LEU A 242 4.55 1.38 7.40
C LEU A 242 4.20 1.00 8.83
N GLY A 243 3.28 0.06 9.01
CA GLY A 243 2.81 -0.31 10.34
C GLY A 243 1.95 0.83 10.86
N ASP A 244 2.28 1.36 12.07
CA ASP A 244 1.57 2.49 12.65
C ASP A 244 2.28 3.79 12.24
N LEU A 245 3.31 3.66 11.41
CA LEU A 245 4.11 4.78 10.93
C LEU A 245 3.74 5.12 9.52
N ILE A 246 4.14 6.31 9.07
CA ILE A 246 3.82 6.76 7.74
C ILE A 246 5.06 7.07 6.95
N LEU A 247 5.07 6.63 5.69
CA LEU A 247 6.11 6.98 4.73
C LEU A 247 5.47 7.96 3.77
N SER A 248 6.11 9.10 3.55
CA SER A 248 5.56 10.05 2.59
C SER A 248 6.62 10.87 1.89
N LYS A 249 6.39 11.18 0.61
CA LYS A 249 7.37 11.97 -0.13
C LYS A 249 6.77 13.19 -0.81
N SER A 250 7.69 14.14 -1.07
CA SER A 250 7.50 15.40 -1.79
C SER A 250 8.57 15.49 -2.91
N CYS A 251 8.83 16.71 -3.40
CA CYS A 251 9.78 16.99 -4.49
C CYS A 251 11.15 17.36 -3.94
N GLU A 252 11.36 17.15 -2.63
CA GLU A 252 12.59 17.50 -1.95
C GLU A 252 13.59 16.33 -1.86
N ASN A 253 13.42 15.36 -2.77
CA ASN A 253 14.26 14.17 -2.93
C ASN A 253 14.55 13.39 -1.60
N ALA A 254 13.47 13.08 -0.86
CA ALA A 254 13.50 12.23 0.34
C ALA A 254 12.13 11.64 0.69
N ILE A 255 12.11 10.40 1.21
CA ILE A 255 10.88 9.80 1.74
C ILE A 255 10.97 9.98 3.27
N VAL A 256 9.99 10.64 3.89
CA VAL A 256 10.02 10.91 5.33
C VAL A 256 9.25 9.83 6.11
N CYS A 257 9.87 9.25 7.12
CA CYS A 257 9.23 8.30 8.02
C CYS A 257 8.81 9.08 9.26
N TRP A 258 7.52 9.07 9.56
CA TRP A 258 7.02 9.86 10.67
C TRP A 258 5.76 9.25 11.30
N LYS A 259 5.38 9.75 12.47
CA LYS A 259 4.19 9.29 13.16
C LYS A 259 3.43 10.46 13.81
N PRO A 260 2.09 10.34 13.99
CA PRO A 260 1.33 11.38 14.69
C PRO A 260 1.61 11.37 16.19
N GLY A 261 1.56 12.54 16.78
CA GLY A 261 1.80 12.67 18.21
C GLY A 261 3.26 12.52 18.57
N LYS A 262 3.49 12.13 19.82
CA LYS A 262 4.83 11.95 20.35
C LYS A 262 5.32 10.55 20.12
N MET A 263 6.63 10.35 20.32
CA MET A 263 7.34 9.08 20.16
C MET A 263 6.57 7.84 20.63
N GLU A 264 5.99 7.92 21.83
CA GLU A 264 5.34 6.78 22.48
C GLU A 264 3.83 6.72 22.30
N ASP A 265 3.26 7.59 21.49
CA ASP A 265 1.81 7.61 21.31
C ASP A 265 1.27 6.49 20.40
N ASP A 266 0.20 5.84 20.87
CA ASP A 266 -0.49 4.79 20.17
C ASP A 266 -1.38 5.48 19.13
N ILE A 267 -1.21 5.11 17.87
CA ILE A 267 -1.98 5.65 16.74
C ILE A 267 -3.49 5.63 16.95
N ASP A 268 -4.00 4.75 17.82
CA ASP A 268 -5.44 4.60 17.99
C ASP A 268 -5.95 5.37 19.20
N LYS A 269 -5.03 6.08 19.88
CA LYS A 269 -5.35 6.94 21.01
C LYS A 269 -5.21 8.42 20.60
N ILE A 270 -4.72 8.66 19.37
CA ILE A 270 -4.50 9.99 18.78
C ILE A 270 -5.80 10.73 18.57
N LYS A 271 -5.89 11.91 19.17
CA LYS A 271 -7.06 12.79 19.06
C LYS A 271 -6.99 13.64 17.77
N PRO A 272 -8.18 13.99 17.17
CA PRO A 272 -8.23 14.87 15.98
C PRO A 272 -7.51 16.18 16.16
N SER A 273 -7.54 16.73 17.40
CA SER A 273 -6.90 17.97 17.81
C SER A 273 -5.37 17.88 17.99
N GLU A 274 -4.80 16.64 17.91
CA GLU A 274 -3.34 16.47 18.10
C GLU A 274 -2.54 17.35 17.16
N SER A 275 -1.72 18.20 17.76
CA SER A 275 -0.90 19.20 17.07
C SER A 275 0.53 18.73 16.86
N ASN A 276 0.93 17.66 17.52
CA ASN A 276 2.29 17.16 17.41
C ASN A 276 2.47 16.04 16.38
N VAL A 277 3.71 15.93 15.88
CA VAL A 277 4.20 14.92 14.94
C VAL A 277 5.63 14.56 15.36
N THR A 278 6.05 13.33 15.09
CA THR A 278 7.40 12.88 15.38
C THR A 278 8.03 12.35 14.10
N ILE A 279 9.15 12.94 13.68
CA ILE A 279 9.91 12.48 12.49
C ILE A 279 10.93 11.44 12.96
N LEU A 280 10.90 10.27 12.34
CA LEU A 280 11.75 9.16 12.71
C LEU A 280 12.95 8.89 11.80
N GLY A 281 12.88 9.33 10.55
CA GLY A 281 13.97 9.16 9.60
C GLY A 281 13.62 9.64 8.20
N ARG A 282 14.64 9.72 7.32
CA ARG A 282 14.50 10.18 5.95
C ARG A 282 15.28 9.27 5.01
N PHE A 283 14.62 8.83 3.91
CA PHE A 283 15.26 7.99 2.93
C PHE A 283 15.70 8.91 1.81
N ASP A 284 16.99 9.22 1.80
CA ASP A 284 17.53 10.16 0.84
C ASP A 284 17.86 9.52 -0.50
N TYR A 285 17.69 10.32 -1.56
CA TYR A 285 17.99 9.92 -2.94
C TYR A 285 18.18 11.15 -3.78
N SER A 286 18.35 10.96 -5.09
CA SER A 286 18.54 12.09 -5.99
C SER A 286 17.87 11.88 -7.35
N GLN A 287 17.56 13.03 -7.99
CA GLN A 287 16.91 13.19 -9.28
C GLN A 287 15.57 12.50 -9.39
N CYS A 288 14.63 12.87 -8.50
CA CYS A 288 13.27 12.32 -8.52
C CYS A 288 12.29 13.39 -7.98
N ASP A 289 12.54 14.64 -8.39
CA ASP A 289 11.81 15.83 -7.98
C ASP A 289 10.65 16.23 -8.93
N ILE A 290 10.29 15.36 -9.86
CA ILE A 290 9.19 15.60 -10.81
C ILE A 290 7.85 14.98 -10.33
N TRP A 291 6.75 15.40 -10.98
CA TRP A 291 5.37 14.98 -10.75
C TRP A 291 5.17 13.49 -11.00
N TYR A 292 4.35 12.85 -10.14
CA TYR A 292 3.87 11.47 -10.21
C TYR A 292 4.98 10.39 -10.23
N MET A 293 5.82 10.40 -9.18
CA MET A 293 6.90 9.42 -8.99
C MET A 293 6.61 8.59 -7.70
N ARG A 294 6.17 7.37 -7.89
CA ARG A 294 5.66 6.53 -6.83
C ARG A 294 6.63 5.51 -6.27
N PHE A 295 6.53 5.28 -4.96
CA PHE A 295 7.34 4.34 -4.21
C PHE A 295 6.51 3.14 -3.75
N SER A 296 7.13 2.01 -3.66
CA SER A 296 6.45 0.77 -3.32
C SER A 296 7.23 -0.10 -2.36
N MET A 297 6.54 -1.12 -1.82
CA MET A 297 7.11 -2.05 -0.86
C MET A 297 6.62 -3.44 -1.21
N ASP A 298 7.32 -4.47 -0.72
CA ASP A 298 6.92 -5.86 -0.88
C ASP A 298 5.79 -6.20 0.12
N PHE A 299 5.25 -7.42 0.04
CA PHE A 299 4.14 -7.88 0.89
C PHE A 299 4.42 -7.71 2.37
N TRP A 300 5.60 -8.15 2.79
CA TRP A 300 6.03 -8.10 4.18
C TRP A 300 6.57 -6.76 4.63
N GLN A 301 6.61 -5.76 3.74
CA GLN A 301 7.12 -4.42 4.04
C GLN A 301 8.54 -4.52 4.62
N LYS A 302 9.40 -5.29 3.93
CA LYS A 302 10.82 -5.50 4.29
C LYS A 302 11.68 -4.65 3.36
N MET A 303 11.17 -4.41 2.16
CA MET A 303 11.87 -3.58 1.18
C MET A 303 11.07 -2.41 0.71
N LEU A 304 11.75 -1.26 0.56
CA LEU A 304 11.20 -0.02 0.01
C LEU A 304 11.91 0.24 -1.32
N ALA A 305 11.14 0.50 -2.41
CA ALA A 305 11.75 0.85 -3.70
C ALA A 305 11.25 2.19 -4.26
N LEU A 306 12.16 2.89 -4.96
CA LEU A 306 11.82 4.12 -5.65
C LEU A 306 12.69 4.37 -6.86
N GLY A 307 12.07 4.38 -8.03
CA GLY A 307 12.75 4.71 -9.27
C GLY A 307 12.86 6.22 -9.39
N ASN A 308 13.86 6.71 -10.12
CA ASN A 308 14.02 8.16 -10.30
C ASN A 308 13.82 8.58 -11.76
N GLN A 309 13.92 9.88 -12.03
CA GLN A 309 13.63 10.43 -13.35
C GLN A 309 14.71 10.14 -14.45
N VAL A 310 15.85 9.52 -14.07
CA VAL A 310 16.87 9.19 -15.07
C VAL A 310 17.09 7.67 -15.17
N GLY A 311 16.16 6.91 -14.62
CA GLY A 311 16.22 5.45 -14.75
C GLY A 311 17.03 4.70 -13.72
N LYS A 312 17.17 5.24 -12.52
CA LYS A 312 17.92 4.63 -11.41
C LYS A 312 16.90 4.15 -10.39
N LEU A 313 17.10 2.95 -9.84
CA LEU A 313 16.14 2.38 -8.89
C LEU A 313 16.73 2.24 -7.49
N TYR A 314 16.22 3.04 -6.57
CA TYR A 314 16.70 3.04 -5.22
C TYR A 314 15.96 2.01 -4.40
N VAL A 315 16.69 1.20 -3.64
CA VAL A 315 16.12 0.18 -2.78
C VAL A 315 16.65 0.39 -1.37
N TRP A 316 15.77 0.18 -0.36
CA TRP A 316 16.15 0.26 1.05
C TRP A 316 15.64 -0.96 1.83
N ASP A 317 16.43 -1.38 2.84
CA ASP A 317 16.08 -2.45 3.77
C ASP A 317 15.30 -1.86 4.94
N LEU A 318 13.98 -2.06 4.98
CA LEU A 318 13.10 -1.53 6.02
C LEU A 318 13.27 -2.19 7.41
N GLU A 319 14.06 -3.25 7.50
CA GLU A 319 14.37 -3.91 8.76
C GLU A 319 15.53 -3.20 9.46
N VAL A 320 16.21 -2.32 8.71
CA VAL A 320 17.31 -1.51 9.23
C VAL A 320 16.68 -0.19 9.69
N GLU A 321 16.91 0.17 10.94
CA GLU A 321 16.40 1.38 11.60
C GLU A 321 16.92 2.69 10.94
N ASP A 322 18.27 2.86 10.88
CA ASP A 322 18.92 4.01 10.27
C ASP A 322 18.79 4.00 8.74
N PRO A 323 17.95 4.91 8.16
CA PRO A 323 17.74 4.98 6.70
C PRO A 323 18.98 5.12 5.84
N HIS A 324 20.04 5.70 6.43
CA HIS A 324 21.33 5.89 5.80
C HIS A 324 22.01 4.52 5.61
N LYS A 325 21.90 3.62 6.62
CA LYS A 325 22.48 2.28 6.59
C LYS A 325 21.60 1.30 5.78
N ALA A 326 20.29 1.58 5.75
CA ALA A 326 19.27 0.81 5.03
C ALA A 326 19.43 0.91 3.52
N LYS A 327 20.15 1.93 3.01
CA LYS A 327 20.33 2.10 1.58
C LYS A 327 21.04 0.94 0.93
N CYS A 328 20.39 0.31 -0.06
CA CYS A 328 20.92 -0.84 -0.80
C CYS A 328 21.57 -0.35 -2.07
N THR A 329 22.40 -1.20 -2.69
CA THR A 329 23.04 -0.86 -3.96
C THR A 329 21.97 -0.49 -5.01
N THR A 330 22.11 0.72 -5.54
CA THR A 330 21.20 1.28 -6.50
C THR A 330 21.27 0.49 -7.79
N LEU A 331 20.09 0.19 -8.33
CA LEU A 331 19.92 -0.60 -9.53
C LEU A 331 20.00 0.26 -10.77
N THR A 332 21.03 0.03 -11.57
CA THR A 332 21.26 0.79 -12.79
C THR A 332 21.52 -0.14 -13.99
N HIS A 333 21.18 0.35 -15.19
CA HIS A 333 21.43 -0.33 -16.44
C HIS A 333 21.70 0.73 -17.48
N HIS A 334 22.70 0.49 -18.32
CA HIS A 334 23.17 1.45 -19.32
C HIS A 334 22.11 1.91 -20.32
N LYS A 335 21.10 1.06 -20.62
CA LYS A 335 20.04 1.38 -21.58
C LYS A 335 18.77 1.83 -20.88
N CYS A 336 18.80 1.96 -19.56
CA CYS A 336 17.66 2.42 -18.78
C CYS A 336 17.93 3.85 -18.35
N GLY A 337 17.49 4.80 -19.18
CA GLY A 337 17.67 6.22 -18.92
C GLY A 337 16.38 7.00 -18.82
N ALA A 338 15.24 6.30 -18.89
CA ALA A 338 13.97 6.99 -18.83
C ALA A 338 13.40 6.97 -17.45
N ALA A 339 12.66 8.03 -17.11
CA ALA A 339 12.01 8.16 -15.80
C ALA A 339 11.20 6.91 -15.44
N ILE A 340 11.41 6.41 -14.23
CA ILE A 340 10.68 5.23 -13.72
C ILE A 340 9.51 5.76 -12.93
N ARG A 341 8.30 5.57 -13.45
CA ARG A 341 7.06 6.06 -12.84
C ARG A 341 6.60 5.26 -11.64
N GLN A 342 6.76 3.92 -11.71
CA GLN A 342 6.33 3.01 -10.65
C GLN A 342 7.10 1.72 -10.73
N THR A 343 7.17 1.00 -9.62
CA THR A 343 7.86 -0.29 -9.48
C THR A 343 6.96 -1.26 -8.73
N SER A 344 7.10 -2.58 -8.96
CA SER A 344 6.28 -3.57 -8.28
C SER A 344 7.06 -4.81 -7.83
N PHE A 345 6.88 -5.23 -6.55
CA PHE A 345 7.52 -6.48 -6.11
C PHE A 345 6.54 -7.62 -6.32
N SER A 346 7.07 -8.81 -6.64
CA SER A 346 6.27 -10.03 -6.77
C SER A 346 5.86 -10.42 -5.35
N ARG A 347 4.81 -11.26 -5.22
CA ARG A 347 4.32 -11.68 -3.90
C ARG A 347 5.44 -12.22 -2.99
N ASP A 348 6.36 -13.03 -3.55
CA ASP A 348 7.48 -13.65 -2.84
C ASP A 348 8.73 -12.73 -2.74
N SER A 349 8.64 -11.50 -3.29
CA SER A 349 9.73 -10.52 -3.25
C SER A 349 10.97 -10.92 -4.07
N SER A 350 10.85 -11.92 -4.97
CA SER A 350 11.96 -12.39 -5.80
C SER A 350 12.15 -11.60 -7.10
N ILE A 351 11.09 -10.97 -7.60
CA ILE A 351 11.12 -10.18 -8.83
C ILE A 351 10.69 -8.74 -8.56
N LEU A 352 11.47 -7.81 -9.10
CA LEU A 352 11.18 -6.38 -9.00
C LEU A 352 11.02 -5.82 -10.42
N ILE A 353 9.85 -5.30 -10.72
CA ILE A 353 9.57 -4.75 -12.06
C ILE A 353 9.52 -3.28 -11.99
N ALA A 354 10.12 -2.60 -12.97
CA ALA A 354 10.07 -1.14 -13.08
C ALA A 354 9.54 -0.77 -14.45
N VAL A 355 8.71 0.25 -14.53
CA VAL A 355 8.13 0.73 -15.80
C VAL A 355 8.57 2.20 -16.01
N CYS A 356 8.81 2.59 -17.29
CA CYS A 356 9.35 3.91 -17.65
C CYS A 356 8.55 4.73 -18.67
N ASP A 357 8.93 6.02 -18.78
CA ASP A 357 8.32 6.97 -19.74
C ASP A 357 8.53 6.60 -21.23
N ASP A 358 9.56 5.83 -21.54
CA ASP A 358 9.82 5.40 -22.90
C ASP A 358 9.15 4.06 -23.24
N ALA A 359 8.16 3.61 -22.43
CA ALA A 359 7.42 2.34 -22.59
C ALA A 359 8.26 1.10 -22.24
N SER A 360 9.39 1.30 -21.58
CA SER A 360 10.19 0.14 -21.23
C SER A 360 9.77 -0.45 -19.88
N ILE A 361 9.92 -1.77 -19.77
CA ILE A 361 9.68 -2.60 -18.58
C ILE A 361 11.02 -3.23 -18.24
N TRP A 362 11.42 -3.19 -16.94
CA TRP A 362 12.72 -3.72 -16.51
C TRP A 362 12.50 -4.70 -15.45
N ARG A 363 13.12 -5.87 -15.58
CA ARG A 363 12.99 -6.97 -14.62
C ARG A 363 14.27 -7.18 -13.89
N TRP A 364 14.21 -7.04 -12.56
CA TRP A 364 15.31 -7.23 -11.63
C TRP A 364 15.05 -8.43 -10.74
N ASP A 365 15.88 -9.47 -10.87
CA ASP A 365 15.73 -10.64 -10.03
C ASP A 365 16.62 -10.55 -8.83
N ARG A 366 16.04 -10.82 -7.65
CA ARG A 366 16.78 -10.76 -6.39
C ARG A 366 17.83 -11.87 -6.33
N LEU A 367 19.09 -11.46 -6.21
CA LEU A 367 20.24 -12.33 -6.08
C LEU A 367 20.37 -12.75 -4.60
N ARG A 368 20.25 -11.79 -3.70
CA ARG A 368 20.38 -12.00 -2.26
C ARG A 368 19.29 -11.28 -1.46
CA MET B 1 -7.08 -27.88 5.76
C MET B 1 -7.27 -26.50 6.40
N ILE B 2 -8.54 -26.16 6.74
CA ILE B 2 -8.94 -24.90 7.39
C ILE B 2 -8.35 -24.79 8.79
N ASN B 3 -8.23 -25.94 9.50
CA ASN B 3 -7.70 -26.10 10.85
C ASN B 3 -6.21 -25.71 10.92
N GLU B 4 -5.43 -26.14 9.90
CA GLU B 4 -3.99 -25.88 9.79
C GLU B 4 -3.71 -24.41 9.54
N ILE B 5 -4.58 -23.71 8.77
CA ILE B 5 -4.39 -22.29 8.49
C ILE B 5 -4.47 -21.47 9.79
N LYS B 6 -5.50 -21.72 10.65
CA LYS B 6 -5.64 -21.05 11.95
C LYS B 6 -4.52 -21.40 12.89
N LYS B 7 -4.04 -22.67 12.85
CA LYS B 7 -2.95 -23.20 13.69
C LYS B 7 -1.59 -22.59 13.32
N ASN B 8 -1.20 -22.70 12.04
CA ASN B 8 0.05 -22.16 11.51
C ASN B 8 0.19 -20.66 11.76
N ALA B 9 -0.95 -19.93 11.86
CA ALA B 9 -1.00 -18.48 12.11
C ALA B 9 -0.82 -18.18 13.58
N GLN B 10 -1.50 -18.97 14.46
CA GLN B 10 -1.47 -18.89 15.92
C GLN B 10 -0.03 -18.98 16.41
N GLU B 11 0.74 -19.95 15.88
CA GLU B 11 2.15 -20.18 16.20
C GLU B 11 3.04 -19.10 15.61
N ARG B 12 2.81 -18.72 14.34
CA ARG B 12 3.59 -17.70 13.60
C ARG B 12 3.55 -16.34 14.30
N MET B 13 2.36 -15.92 14.79
CA MET B 13 2.14 -14.68 15.54
C MET B 13 2.75 -14.73 16.91
N ASP B 14 2.75 -15.92 17.55
CA ASP B 14 3.29 -16.15 18.89
C ASP B 14 4.80 -16.21 18.86
N GLU B 15 5.38 -16.66 17.72
CA GLU B 15 6.82 -16.69 17.47
C GLU B 15 7.26 -15.25 17.15
N THR B 16 6.31 -14.37 16.70
CA THR B 16 6.59 -12.97 16.42
C THR B 16 6.83 -12.26 17.74
N VAL B 17 5.85 -12.36 18.68
CA VAL B 17 5.86 -11.79 20.03
C VAL B 17 7.12 -12.22 20.83
N GLU B 18 7.46 -13.51 20.77
CA GLU B 18 8.63 -14.08 21.45
C GLU B 18 9.92 -13.46 20.94
N GLN B 19 9.99 -13.21 19.61
CA GLN B 19 11.15 -12.59 18.95
C GLN B 19 11.25 -11.09 19.27
N LEU B 20 10.12 -10.43 19.54
CA LEU B 20 10.13 -9.01 19.91
C LEU B 20 10.59 -8.90 21.34
N LYS B 21 10.00 -9.73 22.26
CA LYS B 21 10.31 -9.82 23.71
C LYS B 21 11.79 -10.06 23.94
N ASN B 22 12.44 -10.85 23.08
CA ASN B 22 13.86 -11.10 23.19
C ASN B 22 14.64 -9.95 22.52
N GLU B 23 14.27 -9.53 21.29
CA GLU B 23 14.87 -8.39 20.57
C GLU B 23 14.96 -7.17 21.48
N LEU B 24 13.89 -6.95 22.30
CA LEU B 24 13.78 -5.88 23.28
C LEU B 24 14.69 -6.05 24.47
N SER B 25 14.95 -7.30 24.92
CA SER B 25 15.81 -7.56 26.08
C SER B 25 17.27 -7.13 25.84
N LYS B 26 17.66 -7.01 24.54
CA LYS B 26 18.97 -6.59 24.03
C LYS B 26 19.13 -5.05 24.05
N VAL B 27 18.07 -4.32 24.47
CA VAL B 27 18.05 -2.85 24.50
C VAL B 27 18.37 -2.35 25.91
N GLY B 33 22.36 7.12 31.30
CA GLY B 33 21.87 7.55 29.99
C GLY B 33 21.30 8.96 29.99
N THR B 34 21.76 9.83 29.03
CA THR B 34 21.30 11.22 28.88
C THR B 34 19.83 11.27 28.45
N GLU B 35 19.20 12.45 28.44
CA GLU B 35 17.81 12.57 27.97
C GLU B 35 17.74 12.17 26.47
N GLU B 36 18.80 12.53 25.71
CA GLU B 36 18.92 12.29 24.26
C GLU B 36 19.11 10.83 23.96
N ARG B 37 20.08 10.19 24.65
CA ARG B 37 20.41 8.78 24.53
C ARG B 37 19.17 7.89 24.83
N ARG B 38 18.39 8.25 25.89
CA ARG B 38 17.15 7.58 26.27
C ARG B 38 16.07 7.72 25.18
N LEU B 39 15.99 8.89 24.51
CA LEU B 39 15.04 9.12 23.41
C LEU B 39 15.42 8.26 22.17
N GLU B 40 16.73 8.00 21.98
CA GLU B 40 17.24 7.14 20.90
C GLU B 40 16.90 5.67 21.17
N LEU B 41 16.81 5.28 22.45
CA LEU B 41 16.51 3.93 22.87
C LEU B 41 15.00 3.73 22.81
N ALA B 42 14.24 4.79 23.16
CA ALA B 42 12.79 4.79 23.06
C ALA B 42 12.38 4.63 21.56
N LYS B 43 13.06 5.36 20.65
CA LYS B 43 12.82 5.26 19.20
C LYS B 43 13.08 3.82 18.77
N GLN B 44 14.22 3.24 19.17
CA GLN B 44 14.63 1.87 18.84
C GLN B 44 13.56 0.82 19.23
N VAL B 45 12.90 1.03 20.38
CA VAL B 45 11.88 0.15 20.92
C VAL B 45 10.59 0.41 20.14
N VAL B 46 10.35 1.67 19.72
CA VAL B 46 9.16 1.95 18.89
C VAL B 46 9.36 1.22 17.56
N PHE B 47 10.53 1.43 16.90
CA PHE B 47 10.90 0.79 15.63
C PHE B 47 10.62 -0.71 15.66
N ALA B 48 11.16 -1.42 16.68
CA ALA B 48 11.06 -2.87 16.93
C ALA B 48 9.64 -3.40 17.07
N ALA B 49 8.79 -2.69 17.86
CA ALA B 49 7.39 -3.05 18.10
C ALA B 49 6.53 -2.86 16.83
N ASN B 50 6.89 -1.89 15.99
CA ASN B 50 6.22 -1.60 14.73
C ASN B 50 6.47 -2.75 13.76
N ARG B 51 7.72 -3.22 13.69
CA ARG B 51 8.11 -4.35 12.88
C ARG B 51 7.31 -5.58 13.31
N ALA B 52 7.06 -5.73 14.63
CA ALA B 52 6.25 -6.81 15.22
C ALA B 52 4.80 -6.67 14.84
N LEU B 53 4.23 -5.45 14.98
CA LEU B 53 2.85 -5.16 14.59
C LEU B 53 2.64 -5.45 13.10
N ILE B 54 3.65 -5.07 12.25
CA ILE B 54 3.70 -5.32 10.79
C ILE B 54 3.56 -6.84 10.53
N ARG B 55 4.49 -7.66 11.09
CA ARG B 55 4.51 -9.14 10.95
C ARG B 55 3.19 -9.84 11.28
N VAL B 56 2.64 -9.55 12.47
CA VAL B 56 1.37 -10.09 12.98
C VAL B 56 0.25 -9.78 12.00
N ARG B 57 0.14 -8.51 11.57
CA ARG B 57 -0.89 -8.06 10.63
C ARG B 57 -0.75 -8.70 9.24
N THR B 58 0.51 -8.86 8.76
CA THR B 58 0.76 -9.50 7.46
C THR B 58 0.53 -11.02 7.54
N ILE B 59 0.72 -11.67 8.72
CA ILE B 59 0.43 -13.10 8.91
C ILE B 59 -1.08 -13.28 8.76
N ALA B 60 -1.88 -12.44 9.48
CA ALA B 60 -3.32 -12.38 9.42
C ALA B 60 -3.79 -12.21 7.96
N LEU B 61 -3.26 -11.19 7.23
CA LEU B 61 -3.57 -10.96 5.81
C LEU B 61 -3.33 -12.23 4.96
N GLU B 62 -2.17 -12.88 5.12
CA GLU B 62 -1.81 -14.08 4.37
C GLU B 62 -2.66 -15.28 4.78
N ALA B 63 -3.06 -15.34 6.06
CA ALA B 63 -3.89 -16.43 6.54
C ALA B 63 -5.28 -16.23 5.94
N ALA B 64 -5.79 -14.98 5.98
CA ALA B 64 -7.09 -14.59 5.44
C ALA B 64 -7.23 -14.96 3.98
N TRP B 65 -6.29 -14.49 3.15
CA TRP B 65 -6.29 -14.72 1.71
C TRP B 65 -6.27 -16.20 1.37
N ARG B 66 -5.37 -17.01 2.01
CA ARG B 66 -5.26 -18.46 1.82
C ARG B 66 -6.65 -19.12 1.97
N LEU B 67 -7.37 -18.79 3.07
CA LEU B 67 -8.72 -19.26 3.33
C LEU B 67 -9.69 -18.80 2.24
N LEU B 68 -9.68 -17.47 1.90
CA LEU B 68 -10.53 -16.87 0.84
C LEU B 68 -10.29 -17.56 -0.53
N MET B 69 -9.06 -18.09 -0.78
CA MET B 69 -8.68 -18.84 -1.98
C MET B 69 -8.89 -20.37 -1.78
N LEU B 70 -9.84 -20.72 -0.90
CA LEU B 70 -10.30 -22.08 -0.63
C LEU B 70 -11.83 -21.99 -0.70
N GLY B 71 -12.31 -21.55 -1.87
CA GLY B 71 -13.71 -21.36 -2.17
C GLY B 71 -13.95 -20.20 -3.12
CA ASN B 77 -18.17 -24.93 3.79
C ASN B 77 -17.93 -23.45 4.09
N LYS B 78 -18.87 -22.58 3.66
CA LYS B 78 -18.82 -21.13 3.86
C LYS B 78 -19.08 -20.69 5.31
N ARG B 79 -19.58 -21.62 6.16
CA ARG B 79 -19.87 -21.38 7.57
C ARG B 79 -18.60 -21.48 8.42
N ASP B 80 -17.70 -22.43 8.08
CA ASP B 80 -16.41 -22.64 8.76
C ASP B 80 -15.27 -21.77 8.19
N ILE B 81 -15.43 -21.24 6.94
CA ILE B 81 -14.45 -20.38 6.25
C ILE B 81 -14.59 -18.93 6.69
N SER B 82 -15.79 -18.54 7.16
CA SER B 82 -16.09 -17.22 7.70
C SER B 82 -15.76 -17.24 9.21
N GLN B 83 -15.85 -18.45 9.83
CA GLN B 83 -15.52 -18.73 11.24
C GLN B 83 -14.01 -18.75 11.43
N ALA B 84 -13.29 -19.08 10.34
CA ALA B 84 -11.84 -19.15 10.27
C ALA B 84 -11.27 -17.73 10.30
N LEU B 85 -11.79 -16.83 9.44
CA LEU B 85 -11.40 -15.41 9.36
C LEU B 85 -11.73 -14.74 10.70
N GLU B 86 -12.96 -14.98 11.24
CA GLU B 86 -13.43 -14.44 12.53
C GLU B 86 -12.41 -14.72 13.63
N GLU B 87 -11.96 -15.98 13.75
CA GLU B 87 -10.96 -16.46 14.71
C GLU B 87 -9.56 -15.85 14.49
N ILE B 88 -9.10 -15.75 13.23
CA ILE B 88 -7.79 -15.18 12.88
C ILE B 88 -7.70 -13.69 13.20
N GLU B 89 -8.78 -12.93 12.88
CA GLU B 89 -8.86 -11.48 13.15
C GLU B 89 -8.91 -11.19 14.67
N LYS B 90 -9.33 -12.19 15.47
CA LYS B 90 -9.36 -12.11 16.94
C LYS B 90 -7.98 -12.38 17.51
N LEU B 91 -7.20 -13.31 16.88
CA LEU B 91 -5.82 -13.64 17.26
C LEU B 91 -4.95 -12.43 17.02
N THR B 92 -5.18 -11.73 15.90
CA THR B 92 -4.43 -10.53 15.50
C THR B 92 -4.54 -9.44 16.54
N LYS B 93 -5.77 -9.13 17.00
CA LYS B 93 -6.01 -8.09 18.00
C LYS B 93 -5.40 -8.43 19.37
N VAL B 94 -5.25 -9.76 19.68
CA VAL B 94 -4.64 -10.29 20.92
C VAL B 94 -3.12 -10.05 20.91
N ALA B 95 -2.47 -10.47 19.79
CA ALA B 95 -1.03 -10.35 19.53
C ALA B 95 -0.61 -8.89 19.43
N ALA B 96 -1.46 -8.00 18.85
CA ALA B 96 -1.15 -6.56 18.76
C ALA B 96 -1.19 -5.89 20.15
N LYS B 97 -2.14 -6.33 21.01
CA LYS B 97 -2.38 -5.86 22.37
C LYS B 97 -1.13 -6.19 23.19
N LYS B 98 -0.66 -7.46 23.09
CA LYS B 98 0.50 -8.00 23.78
C LYS B 98 1.77 -7.28 23.36
N ILE B 99 1.91 -6.95 22.06
CA ILE B 99 3.06 -6.21 21.52
C ILE B 99 3.06 -4.75 22.05
N LYS B 100 1.86 -4.13 22.12
CA LYS B 100 1.71 -2.74 22.57
C LYS B 100 1.88 -2.60 24.09
N GLU B 101 1.74 -3.71 24.83
CA GLU B 101 1.91 -3.79 26.29
C GLU B 101 3.36 -4.07 26.65
N VAL B 102 4.07 -4.86 25.84
CA VAL B 102 5.48 -5.16 26.02
C VAL B 102 6.30 -3.92 25.68
N LEU B 103 5.78 -3.08 24.75
CA LEU B 103 6.36 -1.80 24.35
C LEU B 103 6.25 -0.82 25.53
N GLU B 104 5.01 -0.65 26.06
CA GLU B 104 4.67 0.23 27.18
C GLU B 104 5.38 -0.15 28.51
N ALA B 105 5.85 -1.42 28.63
CA ALA B 105 6.60 -1.94 29.79
C ALA B 105 8.09 -1.60 29.65
N LYS B 106 8.69 -1.87 28.48
CA LYS B 106 10.09 -1.58 28.16
C LYS B 106 10.36 -0.05 28.07
N ILE B 107 9.44 0.73 27.44
CA ILE B 107 9.60 2.20 27.28
C ILE B 107 9.55 2.96 28.64
N LYS B 108 8.85 2.39 29.65
CA LYS B 108 8.73 2.94 31.01
C LYS B 108 9.92 2.48 31.89
N GLU B 109 10.51 1.32 31.53
CA GLU B 109 11.66 0.68 32.17
C GLU B 109 12.94 1.50 31.87
N LEU B 110 13.11 1.96 30.60
CA LEU B 110 14.25 2.77 30.14
C LEU B 110 14.30 4.13 30.85
N ARG B 111 13.10 4.73 31.09
CA ARG B 111 12.95 6.00 31.81
C ARG B 111 13.18 5.83 33.34
N GLU B 112 12.47 4.86 33.98
CA GLU B 112 12.55 4.56 35.41
C GLU B 112 13.96 4.19 35.88
#